data_8EHV
#
_entry.id   8EHV
#
_cell.length_a   162.349
_cell.length_b   68.849
_cell.length_c   77.215
_cell.angle_alpha   90.00
_cell.angle_beta   117.63
_cell.angle_gamma   90.00
#
_symmetry.space_group_name_H-M   'C 1 2 1'
#
loop_
_entity.id
_entity.type
_entity.pdbx_description
1 polymer 'Kelch-like ECH-associated protein 1'
2 polymer 'cyclic peptide c[DhA-GDPET(bAla)E'
3 water water
#
loop_
_entity_poly.entity_id
_entity_poly.type
_entity_poly.pdbx_seq_one_letter_code
_entity_poly.pdbx_strand_id
1 'polypeptide(L)'
;MGSSHHHHHHSSGGENLYFQGHMKPTQVMPSRAPKVGRLIYTAGGYFRQSLSYLEAYNPSDGTWLRLADLQVPRSGLAGC
VVGGLLYAVGGRNNSPDGNTDSSALDCYNPMTNQWSPCAPMSVPRNRIGVGVIDGHIYAVGGSHGCIHHNSVERYEPERD
EWHLVAPMLTRRIGVGVAVLNRLLYAVGGFDGTNRLNSAECYYPERNEWRMITAMNTIRSGAGVCVLHNCIYAAGGYDGQ
DQLNSVERYDVATATWTFVAPMKHRRSALGITVHQGRIYVLGGYDGHTFLDSVECYDPDTDTWSEVTRMTSGRSGVGVAV
TMEPSRKQIDQQNSTS
;
A,B
2 'polypeptide(L)' (B3A)DPET(BAL)E P
#
# COMPACT_ATOMS: atom_id res chain seq x y z
N ARG A 38 -2.87 -10.45 34.30
CA ARG A 38 -1.79 -9.72 34.95
C ARG A 38 -0.34 -9.82 34.44
N LEU A 39 0.04 -10.83 33.69
CA LEU A 39 1.40 -10.84 33.19
C LEU A 39 1.49 -10.78 31.68
N ILE A 40 2.58 -10.23 31.17
CA ILE A 40 2.84 -10.18 29.73
C ILE A 40 3.66 -11.39 29.29
N TYR A 41 3.03 -12.31 28.59
CA TYR A 41 3.71 -13.51 28.10
C TYR A 41 4.27 -13.33 26.70
N THR A 42 5.53 -13.74 26.50
CA THR A 42 6.17 -13.79 25.20
C THR A 42 6.59 -15.21 24.85
N ALA A 43 6.09 -15.71 23.74
CA ALA A 43 6.36 -17.10 23.34
C ALA A 43 7.18 -17.12 22.05
N GLY A 44 8.21 -17.95 22.02
CA GLY A 44 8.86 -18.26 20.77
C GLY A 44 9.77 -17.10 20.39
N GLY A 45 9.95 -16.94 19.11
CA GLY A 45 10.76 -15.87 18.55
C GLY A 45 11.96 -16.42 17.83
N TYR A 46 12.85 -15.52 17.44
CA TYR A 46 13.97 -15.84 16.59
C TYR A 46 15.23 -15.11 17.06
N PHE A 47 16.31 -15.86 17.24
CA PHE A 47 17.59 -15.30 17.67
C PHE A 47 18.67 -16.10 16.98
N ARG A 48 18.66 -16.02 15.65
CA ARG A 48 19.53 -16.71 14.67
C ARG A 48 19.15 -18.19 14.44
N GLN A 49 17.99 -18.55 15.00
CA GLN A 49 17.36 -19.87 14.98
C GLN A 49 16.07 -19.68 15.80
N SER A 50 15.03 -20.42 15.45
CA SER A 50 13.76 -20.33 16.16
C SER A 50 13.91 -20.76 17.62
N LEU A 51 13.13 -20.13 18.49
CA LEU A 51 13.23 -20.29 19.93
C LEU A 51 11.97 -20.94 20.50
N SER A 52 12.14 -21.60 21.64
CA SER A 52 11.12 -22.29 22.42
C SER A 52 10.63 -21.51 23.63
N TYR A 53 11.22 -20.37 23.93
CA TYR A 53 11.00 -19.77 25.24
C TYR A 53 9.56 -19.35 25.47
N LEU A 54 9.08 -19.56 26.68
CA LEU A 54 7.89 -18.90 27.18
C LEU A 54 8.29 -18.21 28.47
N GLU A 55 8.15 -16.90 28.49
CA GLU A 55 8.60 -16.04 29.58
C GLU A 55 7.52 -14.98 29.78
N ALA A 56 7.33 -14.55 31.03
CA ALA A 56 6.23 -13.66 31.38
C ALA A 56 6.76 -12.48 32.17
N TYR A 57 6.49 -11.27 31.69
CA TYR A 57 7.01 -10.06 32.32
C TYR A 57 6.01 -9.48 33.32
N ASN A 58 6.49 -9.14 34.53
CA ASN A 58 5.57 -8.58 35.51
C ASN A 58 5.82 -7.08 35.52
N PRO A 59 4.91 -6.26 34.95
CA PRO A 59 5.20 -4.82 34.83
C PRO A 59 5.33 -4.13 36.17
N SER A 60 4.83 -4.73 37.25
CA SER A 60 5.04 -4.15 38.57
C SER A 60 6.36 -4.55 39.22
N ASP A 61 6.65 -5.86 39.25
CA ASP A 61 7.83 -6.49 39.92
C ASP A 61 9.14 -6.17 39.21
N GLY A 62 9.07 -6.06 37.87
CA GLY A 62 10.23 -6.06 37.01
C GLY A 62 10.65 -7.42 36.47
N THR A 63 10.17 -8.52 37.07
CA THR A 63 10.72 -9.86 36.88
C THR A 63 10.25 -10.46 35.56
N TRP A 64 11.13 -11.26 34.97
CA TRP A 64 10.80 -12.22 33.92
C TRP A 64 10.74 -13.62 34.53
N LEU A 65 9.62 -14.32 34.32
CA LEU A 65 9.46 -15.67 34.80
C LEU A 65 9.71 -16.62 33.64
N ARG A 66 10.47 -17.69 33.87
CA ARG A 66 10.73 -18.68 32.84
C ARG A 66 9.74 -19.82 33.01
N LEU A 67 8.96 -20.11 31.98
CA LEU A 67 7.85 -21.04 32.07
C LEU A 67 8.12 -22.24 31.18
N ALA A 68 7.13 -23.10 30.97
CA ALA A 68 7.34 -24.28 30.15
C ALA A 68 7.59 -23.87 28.69
N ASP A 69 8.64 -24.47 28.10
CA ASP A 69 9.01 -24.29 26.70
C ASP A 69 7.87 -24.76 25.79
N LEU A 70 7.66 -24.01 24.67
CA LEU A 70 6.98 -24.54 23.48
C LEU A 70 7.44 -25.96 23.16
N GLN A 71 6.49 -26.84 22.76
CA GLN A 71 6.86 -28.17 22.27
C GLN A 71 7.86 -28.07 21.14
N VAL A 72 7.67 -27.11 20.22
CA VAL A 72 8.47 -26.95 19.01
C VAL A 72 8.98 -25.51 18.95
N PRO A 73 10.25 -25.27 18.67
CA PRO A 73 10.70 -23.88 18.50
C PRO A 73 10.03 -23.22 17.29
N ARG A 74 9.57 -21.99 17.47
CA ARG A 74 8.82 -21.28 16.44
C ARG A 74 9.09 -19.79 16.50
N SER A 75 9.22 -19.20 15.30
CA SER A 75 9.31 -17.76 15.12
C SER A 75 8.23 -17.39 14.10
N GLY A 76 7.83 -16.11 14.08
CA GLY A 76 6.78 -15.65 13.15
C GLY A 76 5.38 -16.12 13.54
N LEU A 77 5.20 -16.53 14.77
CA LEU A 77 3.95 -16.98 15.34
C LEU A 77 3.22 -15.76 15.96
N ALA A 78 1.98 -15.94 16.30
CA ALA A 78 1.22 -14.96 17.05
C ALA A 78 0.70 -15.61 18.33
N GLY A 79 0.43 -14.78 19.34
CA GLY A 79 -0.15 -15.24 20.58
C GLY A 79 -1.52 -14.60 20.76
N CYS A 80 -2.39 -15.24 21.51
CA CYS A 80 -3.61 -14.61 21.95
C CYS A 80 -4.11 -15.39 23.16
N VAL A 81 -5.14 -14.82 23.81
CA VAL A 81 -5.71 -15.37 25.02
C VAL A 81 -7.21 -15.55 24.79
N VAL A 82 -7.71 -16.78 24.93
CA VAL A 82 -9.15 -17.00 25.02
C VAL A 82 -9.43 -17.77 26.32
N GLY A 83 -10.45 -17.32 27.05
CA GLY A 83 -10.82 -17.93 28.32
C GLY A 83 -9.64 -18.18 29.24
N GLY A 84 -8.73 -17.22 29.34
CA GLY A 84 -7.59 -17.42 30.19
C GLY A 84 -6.49 -18.30 29.65
N LEU A 85 -6.70 -19.04 28.56
CA LEU A 85 -5.61 -19.86 28.02
C LEU A 85 -4.79 -19.06 26.99
N LEU A 86 -3.48 -19.30 26.98
CA LEU A 86 -2.59 -18.60 26.06
C LEU A 86 -2.37 -19.47 24.80
N TYR A 87 -2.71 -18.97 23.62
CA TYR A 87 -2.55 -19.73 22.39
C TYR A 87 -1.31 -19.26 21.62
N ALA A 88 -0.59 -20.22 21.08
CA ALA A 88 0.53 -19.99 20.15
C ALA A 88 0.10 -20.53 18.78
N VAL A 89 0.15 -19.66 17.75
CA VAL A 89 -0.48 -19.95 16.46
C VAL A 89 0.53 -19.76 15.32
N GLY A 90 0.66 -20.79 14.50
CA GLY A 90 1.49 -20.81 13.33
C GLY A 90 2.95 -20.52 13.61
N GLY A 91 3.53 -19.76 12.71
CA GLY A 91 4.96 -19.46 12.72
C GLY A 91 5.83 -20.41 11.93
N ARG A 92 7.08 -20.55 12.36
CA ARG A 92 7.99 -21.30 11.53
C ARG A 92 9.07 -21.88 12.41
N ASN A 93 9.50 -23.10 12.12
CA ASN A 93 10.61 -23.68 12.90
C ASN A 93 11.91 -23.63 12.07
N ASN A 94 12.74 -22.61 12.32
CA ASN A 94 14.09 -22.48 11.78
C ASN A 94 15.10 -23.13 12.69
N SER A 95 15.67 -24.24 12.24
CA SER A 95 16.63 -25.00 13.05
C SER A 95 17.82 -25.30 12.17
N PRO A 96 18.96 -25.63 12.77
CA PRO A 96 20.09 -26.14 11.95
C PRO A 96 19.75 -27.43 11.21
N ASP A 97 18.79 -28.23 11.69
CA ASP A 97 18.39 -29.45 10.99
C ASP A 97 17.55 -29.16 9.75
N GLY A 98 16.88 -28.02 9.71
CA GLY A 98 16.02 -27.69 8.59
C GLY A 98 14.95 -26.71 9.02
N ASN A 99 14.19 -26.27 8.02
CA ASN A 99 13.20 -25.22 8.23
C ASN A 99 11.84 -25.71 7.76
N THR A 100 10.81 -25.44 8.56
CA THR A 100 9.48 -25.80 8.16
C THR A 100 8.50 -24.78 8.72
N ASP A 101 7.67 -24.26 7.84
CA ASP A 101 6.57 -23.45 8.33
C ASP A 101 5.65 -24.36 9.17
N SER A 102 4.83 -23.75 10.02
CA SER A 102 3.99 -24.44 10.97
C SER A 102 2.52 -24.08 10.81
N SER A 103 1.66 -25.11 10.81
CA SER A 103 0.22 -24.92 10.95
C SER A 103 -0.28 -25.08 12.40
N ALA A 104 0.62 -25.18 13.38
CA ALA A 104 0.22 -25.74 14.66
C ALA A 104 -0.48 -24.69 15.52
N LEU A 105 -1.41 -25.16 16.30
CA LEU A 105 -1.97 -24.36 17.39
C LEU A 105 -1.68 -25.09 18.69
N ASP A 106 -1.12 -24.37 19.66
CA ASP A 106 -0.77 -24.94 20.94
C ASP A 106 -1.26 -23.98 22.01
N CYS A 107 -1.68 -24.62 23.13
CA CYS A 107 -2.41 -23.99 24.22
C CYS A 107 -1.65 -24.14 25.52
N TYR A 108 -1.42 -23.01 26.20
CA TYR A 108 -0.68 -23.00 27.45
C TYR A 108 -1.63 -22.59 28.58
N ASN A 109 -1.54 -23.32 29.68
CA ASN A 109 -2.44 -23.11 30.82
C ASN A 109 -1.61 -22.67 32.02
N PRO A 110 -1.74 -21.41 32.45
CA PRO A 110 -0.91 -20.92 33.57
C PRO A 110 -1.19 -21.64 34.87
N MET A 111 -2.37 -22.23 35.00
CA MET A 111 -2.68 -22.93 36.25
C MET A 111 -1.95 -24.25 36.31
N THR A 112 -1.54 -24.79 35.15
CA THR A 112 -0.73 -26.00 35.17
C THR A 112 0.72 -25.77 34.69
N ASN A 113 1.06 -24.60 34.13
CA ASN A 113 2.36 -24.40 33.50
C ASN A 113 2.64 -25.55 32.51
N GLN A 114 1.61 -25.89 31.74
CA GLN A 114 1.71 -26.93 30.74
C GLN A 114 1.06 -26.48 29.45
N TRP A 115 1.72 -26.89 28.34
CA TRP A 115 1.29 -26.74 26.96
C TRP A 115 0.52 -27.98 26.57
N SER A 116 -0.50 -27.81 25.75
CA SER A 116 -1.16 -28.94 25.10
C SER A 116 -1.40 -28.54 23.66
N PRO A 117 -1.29 -29.48 22.76
CA PRO A 117 -1.60 -29.18 21.37
C PRO A 117 -3.08 -29.11 21.12
N CYS A 118 -3.43 -28.29 20.14
CA CYS A 118 -4.78 -28.29 19.57
C CYS A 118 -4.78 -28.81 18.15
N ALA A 119 -5.97 -28.87 17.58
CA ALA A 119 -6.10 -29.13 16.15
C ALA A 119 -5.36 -28.05 15.34
N PRO A 120 -4.64 -28.43 14.29
CA PRO A 120 -3.90 -27.43 13.49
C PRO A 120 -4.77 -26.72 12.44
N MET A 121 -4.29 -25.56 12.01
CA MET A 121 -4.81 -24.86 10.82
C MET A 121 -4.71 -25.72 9.58
N SER A 122 -5.50 -25.32 8.59
CA SER A 122 -5.53 -26.05 7.33
C SER A 122 -4.22 -25.91 6.57
N VAL A 123 -3.46 -24.84 6.81
CA VAL A 123 -2.17 -24.64 6.10
C VAL A 123 -1.17 -24.08 7.08
N PRO A 124 0.10 -24.32 6.86
CA PRO A 124 1.12 -23.59 7.67
C PRO A 124 1.06 -22.09 7.42
N ARG A 125 1.43 -21.31 8.46
CA ARG A 125 1.34 -19.85 8.31
C ARG A 125 2.48 -19.19 9.09
N ASN A 126 3.57 -18.90 8.39
CA ASN A 126 4.66 -18.15 8.96
C ASN A 126 4.33 -16.67 8.89
N ARG A 127 4.66 -15.90 9.94
CA ARG A 127 4.37 -14.45 9.98
C ARG A 127 2.87 -14.17 9.84
N ILE A 128 2.11 -14.93 10.61
CA ILE A 128 0.66 -14.87 10.73
C ILE A 128 0.28 -13.68 11.59
N GLY A 129 -0.95 -13.20 11.40
CA GLY A 129 -1.60 -12.33 12.38
C GLY A 129 -2.86 -13.04 12.84
N VAL A 130 -3.24 -12.80 14.07
CA VAL A 130 -4.43 -13.41 14.62
C VAL A 130 -5.18 -12.36 15.40
N GLY A 131 -6.51 -12.54 15.48
CA GLY A 131 -7.31 -11.79 16.41
C GLY A 131 -8.45 -12.65 16.93
N VAL A 132 -9.00 -12.21 18.04
CA VAL A 132 -10.03 -12.96 18.76
C VAL A 132 -11.35 -12.18 18.66
N ILE A 133 -12.38 -12.84 18.18
CA ILE A 133 -13.72 -12.30 18.13
C ILE A 133 -14.62 -13.33 18.78
N ASP A 134 -15.27 -12.95 19.89
CA ASP A 134 -16.33 -13.74 20.50
C ASP A 134 -15.86 -15.15 20.93
N GLY A 135 -14.67 -15.22 21.48
CA GLY A 135 -14.16 -16.50 21.90
C GLY A 135 -13.61 -17.38 20.79
N HIS A 136 -13.53 -16.87 19.54
CA HIS A 136 -13.00 -17.57 18.40
C HIS A 136 -11.71 -16.93 17.91
N ILE A 137 -10.79 -17.76 17.41
CA ILE A 137 -9.48 -17.29 16.99
C ILE A 137 -9.45 -17.27 15.48
N TYR A 138 -9.14 -16.09 14.92
CA TYR A 138 -9.02 -15.87 13.50
C TYR A 138 -7.55 -15.85 13.12
N ALA A 139 -7.15 -16.77 12.23
CA ALA A 139 -5.81 -16.87 11.69
C ALA A 139 -5.77 -16.19 10.31
N VAL A 140 -4.91 -15.19 10.16
CA VAL A 140 -4.90 -14.32 8.98
C VAL A 140 -3.55 -14.33 8.23
N GLY A 141 -3.60 -14.69 6.95
CA GLY A 141 -2.46 -14.43 6.08
C GLY A 141 -1.28 -15.34 6.42
N GLY A 142 -0.07 -14.79 6.38
CA GLY A 142 1.13 -15.57 6.58
C GLY A 142 1.56 -16.25 5.27
N SER A 143 2.68 -16.99 5.34
CA SER A 143 3.23 -17.66 4.17
C SER A 143 3.45 -19.14 4.46
N HIS A 144 3.58 -19.88 3.37
CA HIS A 144 3.95 -21.28 3.39
C HIS A 144 4.93 -21.48 2.23
N GLY A 145 6.21 -21.52 2.54
CA GLY A 145 7.18 -21.61 1.46
C GLY A 145 7.03 -20.36 0.62
N CYS A 146 6.78 -20.55 -0.68
CA CYS A 146 6.58 -19.41 -1.58
C CYS A 146 5.11 -18.98 -1.70
N ILE A 147 4.18 -19.63 -1.01
CA ILE A 147 2.77 -19.22 -1.09
C ILE A 147 2.56 -18.09 -0.11
N HIS A 148 1.96 -17.01 -0.57
CA HIS A 148 1.57 -15.88 0.30
C HIS A 148 0.06 -15.91 0.43
N HIS A 149 -0.42 -16.18 1.64
CA HIS A 149 -1.83 -16.47 1.83
C HIS A 149 -2.65 -15.20 1.78
N ASN A 150 -3.79 -15.28 1.11
CA ASN A 150 -4.86 -14.37 1.47
C ASN A 150 -5.92 -15.08 2.31
N SER A 151 -5.84 -16.40 2.44
CA SER A 151 -6.86 -17.12 3.20
C SER A 151 -6.88 -16.74 4.70
N VAL A 152 -8.00 -17.09 5.33
CA VAL A 152 -8.31 -16.73 6.71
C VAL A 152 -9.13 -17.86 7.29
N GLU A 153 -8.83 -18.27 8.51
CA GLU A 153 -9.60 -19.36 9.08
C GLU A 153 -9.86 -19.11 10.55
N ARG A 154 -10.87 -19.81 11.06
CA ARG A 154 -11.42 -19.51 12.37
C ARG A 154 -11.38 -20.74 13.27
N TYR A 155 -10.82 -20.58 14.48
CA TYR A 155 -10.74 -21.68 15.43
C TYR A 155 -11.82 -21.52 16.48
N GLU A 156 -12.54 -22.62 16.77
CA GLU A 156 -13.52 -22.66 17.84
C GLU A 156 -13.00 -23.53 18.99
N PRO A 157 -12.70 -22.93 20.14
CA PRO A 157 -12.09 -23.71 21.23
C PRO A 157 -13.03 -24.75 21.77
N GLU A 158 -14.32 -24.49 21.78
CA GLU A 158 -15.18 -25.49 22.41
C GLU A 158 -15.36 -26.74 21.54
N ARG A 159 -14.91 -26.73 20.32
CA ARG A 159 -15.00 -27.94 19.51
C ARG A 159 -13.62 -28.38 18.99
N ASP A 160 -12.57 -27.68 19.36
CA ASP A 160 -11.23 -27.88 18.80
C ASP A 160 -11.28 -28.14 17.28
N GLU A 161 -11.72 -27.11 16.54
CA GLU A 161 -12.02 -27.18 15.11
C GLU A 161 -11.73 -25.85 14.44
N TRP A 162 -11.16 -25.95 13.27
CA TRP A 162 -10.89 -24.83 12.39
C TRP A 162 -11.83 -24.88 11.20
N HIS A 163 -12.26 -23.71 10.72
CA HIS A 163 -13.05 -23.60 9.50
C HIS A 163 -12.59 -22.41 8.68
N LEU A 164 -12.41 -22.58 7.37
CA LEU A 164 -12.06 -21.44 6.50
C LEU A 164 -13.15 -20.39 6.48
N VAL A 165 -12.76 -19.12 6.42
CA VAL A 165 -13.76 -18.11 6.17
C VAL A 165 -13.40 -17.39 4.89
N ALA A 166 -14.08 -16.28 4.59
CA ALA A 166 -13.80 -15.58 3.34
C ALA A 166 -12.36 -15.09 3.32
N PRO A 167 -11.65 -15.23 2.20
CA PRO A 167 -10.28 -14.71 2.12
C PRO A 167 -10.25 -13.19 2.02
N MET A 168 -9.13 -12.65 2.47
CA MET A 168 -8.82 -11.24 2.33
C MET A 168 -8.81 -10.82 0.86
N LEU A 169 -8.89 -9.51 0.67
CA LEU A 169 -8.74 -8.93 -0.65
C LEU A 169 -7.32 -8.99 -1.14
N THR A 170 -6.38 -9.14 -0.22
CA THR A 170 -4.94 -9.05 -0.44
C THR A 170 -4.19 -10.22 0.24
N ARG A 171 -3.23 -10.77 -0.46
CA ARG A 171 -2.25 -11.63 0.19
C ARG A 171 -1.36 -10.81 1.12
N ARG A 172 -1.31 -11.20 2.39
CA ARG A 172 -0.53 -10.46 3.37
C ARG A 172 0.28 -11.42 4.24
N ILE A 173 1.57 -11.25 4.23
CA ILE A 173 2.38 -11.87 5.24
C ILE A 173 3.02 -10.76 6.05
N GLY A 174 3.33 -11.07 7.30
CA GLY A 174 3.74 -10.05 8.23
C GLY A 174 2.63 -9.09 8.47
N VAL A 175 1.40 -9.57 8.42
CA VAL A 175 0.22 -8.71 8.55
C VAL A 175 -0.06 -8.46 10.03
N GLY A 176 -0.43 -7.22 10.39
CA GLY A 176 -0.91 -6.91 11.74
C GLY A 176 -2.45 -7.00 11.82
N VAL A 177 -2.95 -7.61 12.91
CA VAL A 177 -4.36 -7.92 13.07
C VAL A 177 -4.84 -7.35 14.40
N ALA A 178 -6.00 -6.71 14.38
CA ALA A 178 -6.62 -6.21 15.59
C ALA A 178 -8.12 -6.26 15.44
N VAL A 179 -8.80 -6.35 16.57
CA VAL A 179 -10.23 -6.45 16.64
C VAL A 179 -10.73 -5.22 17.36
N LEU A 180 -11.66 -4.51 16.73
CA LEU A 180 -12.23 -3.32 17.33
C LEU A 180 -13.72 -3.42 17.12
N ASN A 181 -14.47 -3.48 18.21
CA ASN A 181 -15.93 -3.59 18.16
C ASN A 181 -16.40 -4.79 17.34
N ARG A 182 -15.83 -5.94 17.64
CA ARG A 182 -16.22 -7.19 17.01
C ARG A 182 -16.00 -7.15 15.51
N LEU A 183 -15.11 -6.28 15.06
CA LEU A 183 -14.67 -6.36 13.69
C LEU A 183 -13.17 -6.61 13.70
N LEU A 184 -12.71 -7.36 12.69
CA LEU A 184 -11.34 -7.84 12.55
C LEU A 184 -10.65 -7.05 11.46
N TYR A 185 -9.58 -6.34 11.82
CA TYR A 185 -8.79 -5.56 10.89
C TYR A 185 -7.44 -6.24 10.56
N ALA A 186 -7.09 -6.26 9.27
CA ALA A 186 -5.80 -6.73 8.79
C ALA A 186 -5.08 -5.51 8.17
N VAL A 187 -3.85 -5.23 8.66
CA VAL A 187 -3.17 -3.97 8.44
C VAL A 187 -1.75 -4.21 7.86
N GLY A 188 -1.44 -3.60 6.70
CA GLY A 188 -0.09 -3.73 6.14
C GLY A 188 0.28 -5.16 5.73
N GLY A 189 1.59 -5.44 5.78
CA GLY A 189 2.15 -6.74 5.36
C GLY A 189 2.93 -6.67 4.07
N PHE A 190 3.15 -7.86 3.51
CA PHE A 190 3.95 -8.05 2.30
C PHE A 190 3.18 -9.03 1.42
N ASP A 191 2.90 -8.68 0.16
CA ASP A 191 2.12 -9.57 -0.68
C ASP A 191 3.02 -10.52 -1.48
N GLY A 192 4.33 -10.49 -1.24
CA GLY A 192 5.28 -11.32 -1.97
C GLY A 192 6.11 -10.52 -2.97
N THR A 193 5.65 -9.32 -3.35
CA THR A 193 6.27 -8.44 -4.31
C THR A 193 6.32 -7.04 -3.73
N ASN A 194 5.22 -6.56 -3.15
CA ASN A 194 5.21 -5.23 -2.60
C ASN A 194 4.85 -5.29 -1.13
N ARG A 195 5.46 -4.40 -0.33
CA ARG A 195 4.92 -4.09 0.99
C ARG A 195 3.75 -3.10 0.93
N LEU A 196 2.95 -3.10 2.01
CA LEU A 196 1.58 -2.63 1.95
C LEU A 196 1.32 -1.60 3.02
N ASN A 197 0.70 -0.48 2.64
CA ASN A 197 0.05 0.37 3.64
C ASN A 197 -1.46 0.16 3.69
N SER A 198 -1.98 -0.76 2.88
CA SER A 198 -3.43 -0.90 2.83
C SER A 198 -3.94 -1.64 4.07
N ALA A 199 -5.20 -1.40 4.40
CA ALA A 199 -5.86 -2.11 5.49
C ALA A 199 -7.23 -2.55 5.01
N GLU A 200 -7.70 -3.65 5.58
CA GLU A 200 -9.05 -4.11 5.28
C GLU A 200 -9.69 -4.70 6.52
N CYS A 201 -11.01 -4.85 6.43
CA CYS A 201 -11.85 -5.06 7.60
C CYS A 201 -12.78 -6.23 7.35
N TYR A 202 -12.77 -7.19 8.24
CA TYR A 202 -13.56 -8.41 8.13
C TYR A 202 -14.82 -8.31 9.00
N TYR A 203 -15.98 -8.50 8.38
CA TYR A 203 -17.27 -8.49 9.03
C TYR A 203 -17.65 -9.93 9.33
N PRO A 204 -17.50 -10.42 10.57
CA PRO A 204 -17.67 -11.88 10.82
C PRO A 204 -18.97 -12.48 10.38
N GLU A 205 -20.07 -11.74 10.41
CA GLU A 205 -21.37 -12.34 10.18
C GLU A 205 -21.91 -12.05 8.80
N ARG A 206 -21.38 -11.05 8.14
CA ARG A 206 -21.51 -10.98 6.70
C ARG A 206 -20.58 -11.94 5.98
N ASN A 207 -19.51 -12.35 6.66
CA ASN A 207 -18.39 -13.12 6.08
C ASN A 207 -17.82 -12.44 4.83
N GLU A 208 -17.37 -11.21 5.00
CA GLU A 208 -16.69 -10.59 3.87
C GLU A 208 -15.77 -9.52 4.39
N TRP A 209 -14.81 -9.18 3.52
CA TRP A 209 -13.76 -8.21 3.78
C TRP A 209 -14.04 -6.96 2.98
N ARG A 210 -13.68 -5.82 3.55
CA ARG A 210 -13.87 -4.56 2.88
C ARG A 210 -12.65 -3.69 3.14
N MET A 211 -12.18 -3.00 2.12
CA MET A 211 -11.00 -2.16 2.26
C MET A 211 -11.36 -0.95 3.09
N ILE A 212 -10.43 -0.45 3.88
CA ILE A 212 -10.69 0.76 4.63
C ILE A 212 -9.57 1.70 4.22
N THR A 213 -9.51 2.86 4.88
CA THR A 213 -8.46 3.84 4.62
C THR A 213 -7.09 3.25 4.90
N ALA A 214 -6.15 3.43 3.95
CA ALA A 214 -4.77 2.97 4.12
C ALA A 214 -4.06 3.78 5.20
N MET A 215 -3.05 3.18 5.80
CA MET A 215 -2.18 3.92 6.68
C MET A 215 -1.37 4.97 5.91
N ASN A 216 -0.77 5.87 6.66
CA ASN A 216 0.18 6.82 6.13
C ASN A 216 1.45 6.15 5.58
N THR A 217 1.90 5.08 6.21
CA THR A 217 3.22 4.49 6.03
C THR A 217 3.06 3.03 5.66
N ILE A 218 3.77 2.61 4.62
CA ILE A 218 3.87 1.18 4.30
C ILE A 218 4.58 0.44 5.44
N ARG A 219 4.06 -0.72 5.86
CA ARG A 219 4.60 -1.45 7.02
C ARG A 219 4.39 -2.94 6.82
N SER A 220 5.48 -3.73 6.82
CA SER A 220 5.29 -5.14 7.06
C SER A 220 5.92 -5.46 8.40
N GLY A 221 5.34 -6.45 9.08
CA GLY A 221 5.89 -6.85 10.38
C GLY A 221 5.77 -5.78 11.48
N ALA A 222 4.73 -4.92 11.38
CA ALA A 222 4.42 -3.94 12.43
C ALA A 222 3.75 -4.63 13.62
N GLY A 223 3.75 -3.95 14.75
CA GLY A 223 2.90 -4.39 15.83
C GLY A 223 1.59 -3.64 15.72
N VAL A 224 0.50 -4.37 15.67
CA VAL A 224 -0.83 -3.80 15.59
C VAL A 224 -1.64 -4.30 16.76
N CYS A 225 -2.30 -3.38 17.45
CA CYS A 225 -3.18 -3.74 18.55
C CYS A 225 -4.27 -2.69 18.70
N VAL A 226 -5.18 -2.95 19.63
CA VAL A 226 -6.29 -2.04 19.86
C VAL A 226 -6.26 -1.41 21.24
N LEU A 227 -5.95 -0.12 21.28
CA LEU A 227 -5.90 0.62 22.53
C LEU A 227 -7.15 1.49 22.64
N HIS A 228 -7.78 1.45 23.81
CA HIS A 228 -9.01 2.21 24.06
C HIS A 228 -10.06 1.99 22.98
N ASN A 229 -10.02 2.84 21.95
CA ASN A 229 -10.96 2.73 20.84
C ASN A 229 -10.27 2.98 19.50
N CYS A 230 -8.96 2.74 19.47
CA CYS A 230 -8.20 2.94 18.28
C CYS A 230 -7.27 1.80 18.00
N ILE A 231 -7.00 1.62 16.73
CA ILE A 231 -6.06 0.61 16.26
C ILE A 231 -4.73 1.28 16.10
N TYR A 232 -3.73 0.74 16.75
CA TYR A 232 -2.38 1.27 16.56
C TYR A 232 -1.55 0.35 15.68
N ALA A 233 -0.67 0.97 14.89
CA ALA A 233 0.29 0.24 14.08
C ALA A 233 1.64 0.87 14.39
N ALA A 234 2.55 0.06 14.96
CA ALA A 234 3.83 0.57 15.44
C ALA A 234 4.93 -0.15 14.71
N GLY A 235 5.91 0.60 14.22
CA GLY A 235 7.10 0.06 13.59
C GLY A 235 6.82 -0.71 12.30
N GLY A 236 7.60 -1.76 12.09
CA GLY A 236 7.55 -2.47 10.84
C GLY A 236 8.71 -2.12 9.93
N TYR A 237 8.57 -2.58 8.70
CA TYR A 237 9.60 -2.50 7.67
C TYR A 237 8.90 -2.06 6.38
N ASP A 238 9.43 -1.03 5.70
CA ASP A 238 8.81 -0.60 4.44
C ASP A 238 9.60 -1.07 3.23
N GLY A 239 10.56 -1.98 3.40
CA GLY A 239 11.36 -2.42 2.29
C GLY A 239 12.61 -1.61 2.11
N GLN A 240 12.84 -0.63 2.95
CA GLN A 240 14.08 0.15 2.89
C GLN A 240 14.59 0.34 4.31
N ASP A 241 13.71 0.79 5.22
CA ASP A 241 14.04 1.08 6.60
C ASP A 241 13.12 0.33 7.55
N GLN A 242 13.69 -0.10 8.67
CA GLN A 242 12.89 -0.38 9.86
C GLN A 242 12.41 0.95 10.41
N LEU A 243 11.19 0.94 10.99
CA LEU A 243 10.39 2.10 11.34
C LEU A 243 10.26 2.28 12.84
N ASN A 244 10.22 3.52 13.27
CA ASN A 244 9.90 3.77 14.65
C ASN A 244 8.62 4.57 14.76
N SER A 245 8.00 4.88 13.64
CA SER A 245 6.81 5.66 13.76
C SER A 245 5.62 4.78 14.15
N VAL A 246 4.61 5.44 14.67
CA VAL A 246 3.43 4.77 15.24
C VAL A 246 2.23 5.57 14.79
N GLU A 247 1.23 4.89 14.26
CA GLU A 247 0.05 5.62 13.83
C GLU A 247 -1.18 4.84 14.28
N ARG A 248 -2.29 5.55 14.33
CA ARG A 248 -3.47 5.02 15.00
C ARG A 248 -4.72 5.43 14.24
N TYR A 249 -5.59 4.46 14.13
CA TYR A 249 -6.77 4.57 13.33
C TYR A 249 -7.97 4.85 14.24
N ASP A 250 -8.76 5.78 13.82
CA ASP A 250 -9.97 6.08 14.50
C ASP A 250 -11.10 5.64 13.62
N VAL A 251 -11.91 4.72 14.10
CA VAL A 251 -13.02 4.23 13.31
C VAL A 251 -14.01 5.31 13.03
N ALA A 252 -14.29 6.15 14.00
CA ALA A 252 -15.23 7.21 13.79
C ALA A 252 -14.87 8.14 12.66
N THR A 253 -13.61 8.52 12.55
CA THR A 253 -13.25 9.41 11.48
C THR A 253 -12.64 8.71 10.33
N ALA A 254 -12.51 7.40 10.41
CA ALA A 254 -11.83 6.56 9.41
C ALA A 254 -10.53 7.18 8.95
N THR A 255 -9.67 7.52 9.89
CA THR A 255 -8.47 8.24 9.58
C THR A 255 -7.30 7.77 10.43
N TRP A 256 -6.14 7.72 9.83
CA TRP A 256 -4.92 7.38 10.54
C TRP A 256 -4.19 8.64 10.94
N THR A 257 -3.82 8.75 12.21
CA THR A 257 -3.10 9.92 12.70
C THR A 257 -1.75 9.54 13.31
N PHE A 258 -0.70 10.23 12.86
CA PHE A 258 0.65 9.97 13.35
C PHE A 258 0.80 10.40 14.80
N VAL A 259 1.33 9.49 15.62
CA VAL A 259 1.54 9.78 17.04
C VAL A 259 3.02 9.69 17.40
N ALA A 260 3.32 9.83 18.68
CA ALA A 260 4.70 9.76 19.15
C ALA A 260 5.36 8.47 18.70
N PRO A 261 6.57 8.58 18.12
CA PRO A 261 7.29 7.39 17.65
C PRO A 261 8.04 6.69 18.78
N MET A 262 8.26 5.39 18.59
CA MET A 262 9.08 4.64 19.54
C MET A 262 10.52 5.16 19.51
N LYS A 263 11.27 4.77 20.55
CA LYS A 263 12.72 5.08 20.60
C LYS A 263 13.50 4.24 19.63
N HIS A 264 13.09 3.01 19.41
CA HIS A 264 13.90 2.12 18.58
C HIS A 264 13.09 1.67 17.38
N ARG A 265 13.61 1.97 16.20
CA ARG A 265 13.12 1.36 14.99
C ARG A 265 13.12 -0.14 15.20
N ARG A 266 12.06 -0.79 14.77
CA ARG A 266 12.05 -2.22 14.96
C ARG A 266 11.03 -2.82 13.99
N SER A 267 11.37 -3.96 13.38
CA SER A 267 10.41 -4.72 12.60
C SER A 267 10.22 -6.08 13.27
N ALA A 268 9.06 -6.71 13.05
CA ALA A 268 8.79 -8.06 13.59
C ALA A 268 8.86 -8.05 15.11
N LEU A 269 8.34 -6.97 15.68
CA LEU A 269 8.19 -6.78 17.12
C LEU A 269 6.95 -7.49 17.66
N GLY A 270 6.97 -7.80 18.95
CA GLY A 270 5.80 -8.29 19.63
C GLY A 270 5.10 -7.08 20.26
N ILE A 271 3.78 -7.18 20.45
CA ILE A 271 3.03 -6.03 20.95
C ILE A 271 1.86 -6.55 21.75
N THR A 272 1.51 -5.83 22.81
CA THR A 272 0.29 -6.13 23.53
C THR A 272 -0.15 -4.94 24.36
N VAL A 273 -1.33 -5.06 24.93
CA VAL A 273 -1.86 -4.01 25.77
C VAL A 273 -2.01 -4.58 27.15
N HIS A 274 -1.41 -3.88 28.13
CA HIS A 274 -1.53 -4.25 29.54
C HIS A 274 -1.88 -2.99 30.33
N GLN A 275 -2.97 -3.06 31.07
CA GLN A 275 -3.49 -1.97 31.92
C GLN A 275 -3.50 -0.61 31.20
N GLY A 276 -4.19 -0.56 30.07
CA GLY A 276 -4.27 0.71 29.36
C GLY A 276 -2.98 1.27 28.78
N ARG A 277 -1.93 0.46 28.64
CA ARG A 277 -0.68 0.90 27.98
C ARG A 277 -0.26 -0.12 26.95
N ILE A 278 0.52 0.34 25.98
CA ILE A 278 1.01 -0.53 24.92
C ILE A 278 2.42 -0.98 25.28
N TYR A 279 2.70 -2.22 25.03
CA TYR A 279 4.05 -2.76 25.20
C TYR A 279 4.49 -3.35 23.87
N VAL A 280 5.71 -3.00 23.44
CA VAL A 280 6.35 -3.61 22.28
C VAL A 280 7.65 -4.25 22.72
N LEU A 281 7.89 -5.44 22.21
CA LEU A 281 8.94 -6.33 22.71
C LEU A 281 9.85 -6.70 21.57
N GLY A 282 11.14 -6.41 21.72
CA GLY A 282 12.06 -7.00 20.75
C GLY A 282 11.85 -6.47 19.33
N GLY A 283 12.14 -7.32 18.36
CA GLY A 283 12.14 -6.98 16.96
C GLY A 283 13.58 -6.85 16.48
N TYR A 284 13.68 -6.36 15.25
CA TYR A 284 14.93 -6.38 14.49
C TYR A 284 15.15 -5.00 13.90
N ASP A 285 16.31 -4.37 14.15
CA ASP A 285 16.48 -2.97 13.74
C ASP A 285 17.36 -2.83 12.47
N GLY A 286 17.47 -3.90 11.68
CA GLY A 286 18.43 -3.95 10.60
C GLY A 286 19.81 -4.45 10.98
N HIS A 287 20.16 -4.44 12.29
CA HIS A 287 21.48 -4.93 12.70
C HIS A 287 21.45 -5.95 13.83
N THR A 288 20.66 -5.66 14.86
CA THR A 288 20.61 -6.50 16.05
C THR A 288 19.18 -6.95 16.29
N PHE A 289 19.07 -8.11 16.90
CA PHE A 289 17.83 -8.58 17.48
C PHE A 289 17.66 -7.92 18.86
N LEU A 290 16.65 -7.07 19.01
CA LEU A 290 16.56 -6.23 20.21
C LEU A 290 16.00 -7.00 21.38
N ASP A 291 16.42 -6.58 22.60
CA ASP A 291 15.77 -7.02 23.81
C ASP A 291 14.95 -5.88 24.44
N SER A 292 15.09 -4.68 23.94
CA SER A 292 14.34 -3.51 24.38
C SER A 292 12.85 -3.77 24.51
N VAL A 293 12.27 -3.37 25.64
CA VAL A 293 10.80 -3.35 25.77
C VAL A 293 10.39 -1.93 26.03
N GLU A 294 9.53 -1.40 25.17
CA GLU A 294 9.08 -0.03 25.26
C GLU A 294 7.58 0.00 25.59
N CYS A 295 7.17 1.04 26.29
CA CYS A 295 5.83 1.13 26.82
C CYS A 295 5.23 2.47 26.47
N TYR A 296 4.09 2.47 25.83
CA TYR A 296 3.44 3.71 25.38
C TYR A 296 2.34 4.12 26.36
N ASP A 297 2.41 5.36 26.88
CA ASP A 297 1.37 5.92 27.73
C ASP A 297 0.49 6.85 26.90
N PRO A 298 -0.74 6.46 26.59
CA PRO A 298 -1.54 7.29 25.70
C PRO A 298 -1.97 8.58 26.36
N ASP A 299 -2.10 8.64 27.67
CA ASP A 299 -2.50 9.93 28.25
C ASP A 299 -1.41 10.97 28.09
N THR A 300 -0.14 10.56 28.03
CA THR A 300 0.93 11.53 27.83
C THR A 300 1.52 11.45 26.44
N ASP A 301 0.99 10.60 25.57
CA ASP A 301 1.60 10.35 24.26
C ASP A 301 3.13 10.21 24.36
N THR A 302 3.61 9.38 25.28
CA THR A 302 5.05 9.17 25.41
C THR A 302 5.37 7.69 25.53
N TRP A 303 6.51 7.32 24.93
CA TRP A 303 7.15 6.02 25.02
C TRP A 303 8.25 6.07 26.07
N SER A 304 8.42 5.00 26.84
CA SER A 304 9.62 4.90 27.66
C SER A 304 10.08 3.44 27.68
N GLU A 305 11.38 3.23 27.90
CA GLU A 305 11.88 1.86 28.00
C GLU A 305 11.66 1.36 29.41
N VAL A 306 11.04 0.21 29.54
CA VAL A 306 10.73 -0.29 30.88
C VAL A 306 11.54 -1.52 31.27
N THR A 307 11.98 -2.34 30.32
CA THR A 307 12.74 -3.53 30.72
C THR A 307 13.54 -4.01 29.52
N ARG A 308 14.38 -5.02 29.72
CA ARG A 308 14.99 -5.75 28.62
C ARG A 308 14.55 -7.20 28.76
N MET A 309 14.18 -7.81 27.64
CA MET A 309 14.03 -9.26 27.62
C MET A 309 15.31 -9.94 28.06
N THR A 310 15.18 -11.20 28.48
CA THR A 310 16.39 -11.92 28.86
C THR A 310 17.34 -12.11 27.66
N SER A 311 16.83 -12.08 26.43
CA SER A 311 17.75 -12.07 25.28
C SER A 311 17.01 -11.53 24.07
N GLY A 312 17.73 -10.83 23.20
CA GLY A 312 17.12 -10.22 22.04
C GLY A 312 16.49 -11.26 21.13
N ARG A 313 15.35 -10.92 20.53
CA ARG A 313 14.71 -11.81 19.58
C ARG A 313 13.68 -10.99 18.82
N SER A 314 13.29 -11.50 17.65
CA SER A 314 12.21 -10.92 16.88
C SER A 314 11.19 -12.01 16.61
N GLY A 315 10.05 -11.59 16.04
CA GLY A 315 9.06 -12.57 15.58
C GLY A 315 8.41 -13.36 16.72
N VAL A 316 8.26 -12.76 17.91
CA VAL A 316 7.64 -13.47 19.04
C VAL A 316 6.12 -13.41 18.96
N GLY A 317 5.44 -14.25 19.75
CA GLY A 317 4.00 -14.16 19.95
C GLY A 317 3.78 -13.62 21.36
N VAL A 318 2.90 -12.64 21.50
CA VAL A 318 2.72 -11.94 22.78
C VAL A 318 1.28 -11.84 23.18
N ALA A 319 0.98 -12.06 24.47
CA ALA A 319 -0.36 -11.74 25.00
C ALA A 319 -0.34 -11.70 26.53
N VAL A 320 -1.50 -11.36 27.10
CA VAL A 320 -1.62 -10.98 28.50
C VAL A 320 -2.60 -11.93 29.14
N THR A 321 -2.18 -12.58 30.21
CA THR A 321 -3.10 -13.35 31.03
C THR A 321 -2.45 -13.60 32.39
N MET A 322 -3.31 -14.17 33.18
CA MET A 322 -3.10 -14.45 34.55
C MET A 322 -1.78 -15.11 34.82
N GLU A 323 -1.12 -14.62 35.86
CA GLU A 323 0.18 -15.15 36.26
C GLU A 323 0.09 -16.61 36.70
N PRO A 324 1.17 -17.37 36.47
CA PRO A 324 1.24 -18.79 36.83
C PRO A 324 1.02 -19.01 38.33
N SER A 325 0.36 -20.10 38.68
CA SER A 325 0.08 -20.42 40.08
C SER A 325 1.35 -20.41 40.93
N ARG A 326 2.40 -21.06 40.44
CA ARG A 326 3.67 -21.12 41.15
C ARG A 326 4.17 -19.73 41.52
N LEU B 39 -11.71 16.12 -30.63
CA LEU B 39 -10.27 15.99 -30.80
C LEU B 39 -9.47 15.33 -29.58
N ILE B 40 -9.02 14.07 -29.79
CA ILE B 40 -8.13 13.31 -28.92
C ILE B 40 -6.69 13.53 -29.37
N TYR B 41 -5.91 14.33 -28.66
CA TYR B 41 -4.49 14.43 -29.00
C TYR B 41 -3.61 13.65 -28.01
N THR B 42 -2.56 13.07 -28.58
CA THR B 42 -1.51 12.31 -27.92
C THR B 42 -0.19 13.05 -28.21
N ALA B 43 0.63 13.24 -27.17
CA ALA B 43 1.83 14.05 -27.27
C ALA B 43 2.97 13.26 -26.68
N GLY B 44 4.12 13.25 -27.37
CA GLY B 44 5.27 12.52 -26.83
C GLY B 44 5.09 11.01 -26.86
N GLY B 45 5.83 10.33 -26.01
CA GLY B 45 5.75 8.92 -26.01
C GLY B 45 7.07 8.23 -26.17
N TYR B 46 7.05 6.93 -26.32
CA TYR B 46 8.27 6.21 -26.43
C TYR B 46 8.14 4.94 -27.19
N PHE B 47 9.11 4.77 -28.08
CA PHE B 47 9.28 3.63 -28.95
C PHE B 47 10.75 3.75 -29.32
N ARG B 48 11.60 3.28 -28.39
CA ARG B 48 13.08 3.29 -28.42
C ARG B 48 13.77 4.64 -28.13
N GLN B 49 12.99 5.71 -28.03
CA GLN B 49 13.49 7.06 -27.75
C GLN B 49 12.35 7.99 -27.36
N SER B 50 12.69 9.19 -26.87
CA SER B 50 11.67 10.14 -26.50
C SER B 50 11.09 10.55 -27.85
N LEU B 51 9.77 10.51 -27.97
CA LEU B 51 9.14 10.92 -29.21
C LEU B 51 8.68 12.36 -29.12
N SER B 52 8.57 12.98 -30.29
CA SER B 52 8.04 14.32 -30.39
C SER B 52 6.67 14.38 -31.09
N TYR B 53 6.10 13.23 -31.45
CA TYR B 53 4.80 13.17 -32.12
C TYR B 53 3.71 13.91 -31.35
N LEU B 54 2.82 14.55 -32.10
CA LEU B 54 1.60 15.19 -31.63
C LEU B 54 0.53 14.84 -32.65
N GLU B 55 -0.43 14.02 -32.28
CA GLU B 55 -1.39 13.45 -33.22
C GLU B 55 -2.78 13.42 -32.64
N ALA B 56 -3.77 13.71 -33.51
CA ALA B 56 -5.18 13.80 -33.19
C ALA B 56 -5.93 12.54 -33.59
N TYR B 57 -6.91 12.18 -32.79
CA TYR B 57 -7.79 11.09 -33.18
C TYR B 57 -9.22 11.62 -33.24
N ASN B 58 -10.00 11.02 -34.13
CA ASN B 58 -11.35 11.43 -34.46
C ASN B 58 -12.25 10.21 -34.33
N THR B 63 -10.63 9.80 -38.23
CA THR B 63 -9.41 10.28 -38.87
C THR B 63 -8.32 10.39 -37.80
N TRP B 64 -7.09 10.01 -38.14
CA TRP B 64 -5.89 10.45 -37.44
C TRP B 64 -5.28 11.65 -38.19
N LEU B 65 -4.74 12.60 -37.42
CA LEU B 65 -4.14 13.81 -37.98
C LEU B 65 -2.74 13.99 -37.37
N ARG B 66 -1.81 14.58 -38.11
CA ARG B 66 -0.50 14.80 -37.51
C ARG B 66 -0.22 16.29 -37.49
N LEU B 67 0.35 16.78 -36.39
CA LEU B 67 0.37 18.21 -36.12
C LEU B 67 1.79 18.57 -35.73
N ALA B 68 1.95 19.72 -35.08
CA ALA B 68 3.30 20.24 -34.84
C ALA B 68 4.05 19.41 -33.78
N ASP B 69 5.33 19.16 -34.05
CA ASP B 69 6.18 18.43 -33.13
C ASP B 69 6.44 19.23 -31.85
N LEU B 70 6.40 18.54 -30.71
CA LEU B 70 7.16 18.99 -29.55
C LEU B 70 8.56 19.46 -29.98
N GLN B 71 8.99 20.57 -29.42
CA GLN B 71 10.33 21.04 -29.73
C GLN B 71 11.39 20.14 -29.11
N VAL B 72 11.09 19.56 -27.95
CA VAL B 72 11.94 18.64 -27.22
C VAL B 72 11.20 17.31 -27.06
N PRO B 73 11.77 16.19 -27.46
CA PRO B 73 11.06 14.90 -27.29
C PRO B 73 10.88 14.54 -25.83
N ARG B 74 9.78 13.85 -25.53
CA ARG B 74 9.66 13.34 -24.17
C ARG B 74 8.67 12.18 -24.12
N SER B 75 8.97 11.26 -23.22
CA SER B 75 8.03 10.27 -22.69
C SER B 75 7.87 10.45 -21.18
N GLY B 76 6.90 9.73 -20.60
CA GLY B 76 6.57 9.89 -19.18
C GLY B 76 6.01 11.25 -18.77
N LEU B 77 5.50 12.03 -19.73
CA LEU B 77 4.90 13.35 -19.51
C LEU B 77 3.40 13.21 -19.27
N ALA B 78 2.76 14.30 -18.86
CA ALA B 78 1.29 14.33 -18.86
C ALA B 78 0.79 15.46 -19.74
N GLY B 79 -0.40 15.26 -20.28
CA GLY B 79 -1.08 16.27 -21.04
C GLY B 79 -2.34 16.74 -20.34
N CYS B 80 -2.69 18.01 -20.56
CA CYS B 80 -4.00 18.54 -20.22
C CYS B 80 -4.29 19.76 -21.07
N VAL B 81 -5.52 20.26 -20.94
CA VAL B 81 -5.96 21.49 -21.57
C VAL B 81 -6.58 22.40 -20.53
N VAL B 82 -6.24 23.68 -20.63
CA VAL B 82 -6.78 24.72 -19.77
C VAL B 82 -7.15 25.86 -20.69
N GLY B 83 -8.46 26.15 -20.77
CA GLY B 83 -8.94 27.17 -21.67
C GLY B 83 -8.58 26.90 -23.11
N GLY B 84 -8.86 25.68 -23.58
CA GLY B 84 -8.62 25.30 -24.95
C GLY B 84 -7.20 24.83 -25.24
N LEU B 85 -6.21 25.45 -24.62
CA LEU B 85 -4.81 25.22 -24.98
C LEU B 85 -4.21 23.98 -24.28
N LEU B 86 -3.32 23.28 -24.99
CA LEU B 86 -2.95 21.92 -24.64
C LEU B 86 -1.59 21.92 -23.98
N TYR B 87 -1.50 21.36 -22.77
CA TYR B 87 -0.22 21.48 -22.09
C TYR B 87 0.51 20.16 -22.02
N ALA B 88 1.84 20.28 -22.16
CA ALA B 88 2.83 19.22 -21.98
C ALA B 88 3.67 19.55 -20.75
N VAL B 89 3.75 18.60 -19.82
CA VAL B 89 4.28 18.81 -18.48
C VAL B 89 5.25 17.67 -18.17
N GLY B 90 6.46 18.00 -17.77
CA GLY B 90 7.40 17.01 -17.26
C GLY B 90 7.88 16.01 -18.30
N GLY B 91 8.28 14.83 -17.80
CA GLY B 91 8.62 13.67 -18.62
C GLY B 91 10.12 13.62 -18.75
N ARG B 92 10.63 13.02 -19.82
CA ARG B 92 12.07 12.77 -19.95
C ARG B 92 12.40 12.63 -21.43
N ASN B 93 13.63 13.03 -21.82
CA ASN B 93 14.10 12.82 -23.20
C ASN B 93 15.14 11.70 -23.13
N ASN B 94 14.64 10.48 -23.34
CA ASN B 94 15.42 9.25 -23.42
C ASN B 94 15.85 9.05 -24.85
N SER B 95 17.14 9.25 -25.14
CA SER B 95 17.67 9.27 -26.50
C SER B 95 19.00 8.53 -26.57
N PRO B 96 19.49 8.21 -27.77
CA PRO B 96 20.80 7.53 -27.84
C PRO B 96 21.95 8.33 -27.22
N ASP B 97 21.76 9.63 -27.07
CA ASP B 97 22.77 10.54 -26.53
C ASP B 97 22.46 11.09 -25.15
N GLY B 98 21.39 10.65 -24.49
CA GLY B 98 21.11 11.27 -23.21
C GLY B 98 19.88 10.71 -22.54
N ASN B 99 19.56 11.27 -21.38
CA ASN B 99 18.39 10.83 -20.67
C ASN B 99 17.93 11.90 -19.68
N THR B 100 17.56 13.04 -20.18
CA THR B 100 17.35 14.21 -19.35
C THR B 100 15.90 14.33 -18.88
N ASP B 101 15.70 14.22 -17.56
CA ASP B 101 14.38 14.48 -16.95
C ASP B 101 13.95 15.91 -17.22
N SER B 102 12.67 16.11 -17.42
CA SER B 102 12.24 17.40 -17.90
C SER B 102 11.48 18.17 -16.83
N SER B 103 11.83 19.45 -16.69
CA SER B 103 11.07 20.36 -15.87
C SER B 103 10.21 21.27 -16.73
N ALA B 104 10.10 20.94 -18.00
CA ALA B 104 9.50 21.83 -18.99
C ALA B 104 7.98 21.76 -18.92
N LEU B 105 7.38 22.91 -19.10
CA LEU B 105 5.97 23.06 -19.44
C LEU B 105 5.89 23.76 -20.80
N ASP B 106 5.15 23.16 -21.74
CA ASP B 106 5.01 23.63 -23.10
C ASP B 106 3.55 23.59 -23.54
N CYS B 107 3.17 24.59 -24.33
CA CYS B 107 1.80 25.00 -24.58
C CYS B 107 1.54 24.92 -26.08
N TYR B 108 0.56 24.13 -26.50
CA TYR B 108 0.24 24.00 -27.93
C TYR B 108 -1.10 24.66 -28.25
N ASN B 109 -1.09 25.77 -29.02
CA ASN B 109 -2.34 26.47 -29.38
C ASN B 109 -3.01 25.80 -30.59
N PRO B 110 -4.22 25.23 -30.43
CA PRO B 110 -4.79 24.38 -31.50
C PRO B 110 -5.17 25.12 -32.76
N MET B 111 -5.28 26.45 -32.74
CA MET B 111 -5.52 27.15 -33.99
C MET B 111 -4.33 27.99 -34.43
N THR B 112 -3.29 28.06 -33.60
CA THR B 112 -2.00 28.66 -33.91
C THR B 112 -0.96 27.63 -34.31
N ASN B 113 -1.09 26.39 -33.84
CA ASN B 113 -0.15 25.29 -34.15
C ASN B 113 1.27 25.72 -33.84
N GLN B 114 1.43 26.54 -32.81
CA GLN B 114 2.72 26.83 -32.23
C GLN B 114 2.73 26.31 -30.80
N TRP B 115 3.75 25.52 -30.49
CA TRP B 115 4.23 25.32 -29.12
C TRP B 115 4.91 26.58 -28.66
N SER B 116 4.72 26.96 -27.40
CA SER B 116 5.57 28.01 -26.90
C SER B 116 5.88 27.72 -25.43
N PRO B 117 7.10 28.02 -24.97
CA PRO B 117 7.51 27.60 -23.63
C PRO B 117 6.85 28.45 -22.55
N CYS B 118 6.40 27.79 -21.49
CA CYS B 118 6.04 28.48 -20.27
C CYS B 118 7.09 28.20 -19.21
N ALA B 119 6.94 28.82 -18.06
CA ALA B 119 7.98 28.73 -17.06
C ALA B 119 8.20 27.27 -16.67
N PRO B 120 9.40 26.92 -16.22
CA PRO B 120 9.67 25.55 -15.83
C PRO B 120 9.32 25.31 -14.36
N MET B 121 9.18 24.04 -14.01
CA MET B 121 8.80 23.65 -12.66
C MET B 121 9.99 23.80 -11.74
N SER B 122 9.69 23.79 -10.46
CA SER B 122 10.72 23.71 -9.45
C SER B 122 11.78 22.65 -9.77
N VAL B 123 11.36 21.47 -10.23
CA VAL B 123 12.22 20.29 -10.35
C VAL B 123 11.80 19.54 -11.61
N PRO B 124 12.67 18.71 -12.20
CA PRO B 124 12.22 17.81 -13.28
C PRO B 124 11.28 16.75 -12.72
N ARG B 125 10.29 16.36 -13.50
CA ARG B 125 9.39 15.29 -13.07
C ARG B 125 9.20 14.29 -14.20
N ASN B 126 9.90 13.18 -14.13
CA ASN B 126 9.61 12.13 -15.08
C ASN B 126 8.46 11.31 -14.51
N ARG B 127 7.53 10.90 -15.36
CA ARG B 127 6.39 10.06 -14.96
C ARG B 127 5.51 10.79 -13.93
N ILE B 128 5.21 12.01 -14.30
CA ILE B 128 4.43 12.99 -13.60
C ILE B 128 2.96 12.60 -13.67
N GLY B 129 2.18 13.15 -12.78
CA GLY B 129 0.75 13.15 -12.91
C GLY B 129 0.26 14.58 -12.81
N VAL B 130 -0.89 14.86 -13.42
CA VAL B 130 -1.37 16.24 -13.47
C VAL B 130 -2.86 16.22 -13.48
N GLY B 131 -3.46 17.19 -12.82
CA GLY B 131 -4.87 17.43 -13.01
C GLY B 131 -5.11 18.92 -13.08
N VAL B 132 -6.34 19.29 -13.44
CA VAL B 132 -6.70 20.72 -13.58
C VAL B 132 -7.90 21.00 -12.67
N ILE B 133 -7.69 21.92 -11.73
CA ILE B 133 -8.77 22.50 -10.94
C ILE B 133 -8.62 24.03 -10.95
N ASP B 134 -9.73 24.74 -11.22
CA ASP B 134 -9.78 26.20 -11.08
C ASP B 134 -8.95 26.91 -12.18
N GLY B 135 -8.88 26.33 -13.39
CA GLY B 135 -7.91 26.84 -14.35
C GLY B 135 -6.41 26.76 -13.99
N HIS B 136 -6.02 26.02 -12.95
CA HIS B 136 -4.62 25.86 -12.57
C HIS B 136 -4.11 24.47 -12.94
N ILE B 137 -2.80 24.37 -13.20
CA ILE B 137 -2.10 23.10 -13.44
C ILE B 137 -1.48 22.61 -12.14
N TYR B 138 -1.89 21.44 -11.65
CA TYR B 138 -1.21 20.74 -10.55
C TYR B 138 -0.26 19.66 -11.06
N ALA B 139 1.01 19.75 -10.68
CA ALA B 139 2.04 18.79 -11.10
C ALA B 139 2.41 17.92 -9.91
N VAL B 140 2.27 16.60 -10.06
CA VAL B 140 2.28 15.69 -8.93
C VAL B 140 3.41 14.68 -9.05
N GLY B 141 4.23 14.58 -8.01
CA GLY B 141 5.20 13.49 -7.93
C GLY B 141 6.16 13.48 -9.09
N GLY B 142 6.38 12.30 -9.67
CA GLY B 142 7.41 12.12 -10.68
C GLY B 142 8.81 11.95 -10.08
N SER B 143 9.77 11.64 -10.96
CA SER B 143 11.16 11.50 -10.54
C SER B 143 12.15 12.38 -11.29
N HIS B 144 13.27 12.57 -10.62
CA HIS B 144 14.48 13.21 -11.16
C HIS B 144 15.63 12.31 -10.72
N GLY B 145 16.20 11.60 -11.69
CA GLY B 145 17.20 10.60 -11.38
C GLY B 145 16.68 9.63 -10.34
N CYS B 146 17.40 9.57 -9.21
CA CYS B 146 17.10 8.68 -8.09
C CYS B 146 15.92 9.18 -7.27
N ILE B 147 15.65 10.46 -7.28
CA ILE B 147 14.72 11.09 -6.36
C ILE B 147 13.29 10.87 -6.82
N HIS B 148 12.47 10.17 -5.99
CA HIS B 148 11.05 10.01 -6.24
C HIS B 148 10.31 11.09 -5.45
N HIS B 149 9.69 12.03 -6.16
CA HIS B 149 9.15 13.22 -5.53
C HIS B 149 7.86 12.91 -4.80
N ASN B 150 7.66 13.55 -3.65
CA ASN B 150 6.34 13.67 -3.11
C ASN B 150 5.81 15.07 -3.27
N SER B 151 6.65 15.95 -3.78
CA SER B 151 6.30 17.36 -3.93
C SER B 151 5.27 17.55 -5.02
N VAL B 152 4.54 18.65 -4.89
CA VAL B 152 3.51 19.08 -5.80
C VAL B 152 3.67 20.59 -5.94
N GLU B 153 3.38 21.11 -7.14
CA GLU B 153 3.39 22.54 -7.39
C GLU B 153 2.26 22.86 -8.35
N ARG B 154 1.79 24.11 -8.30
CA ARG B 154 0.75 24.55 -9.19
C ARG B 154 1.24 25.66 -10.10
N TYR B 155 0.64 25.70 -11.28
CA TYR B 155 0.94 26.65 -12.33
C TYR B 155 -0.27 27.56 -12.50
N GLU B 156 -0.01 28.87 -12.64
CA GLU B 156 -0.94 29.96 -12.87
C GLU B 156 -0.84 30.35 -14.32
N PRO B 157 -1.70 29.87 -15.21
CA PRO B 157 -1.50 30.17 -16.64
C PRO B 157 -1.33 31.65 -16.92
N GLU B 158 -2.11 32.52 -16.25
CA GLU B 158 -2.04 33.94 -16.54
C GLU B 158 -1.05 34.70 -15.65
N ARG B 159 -0.21 33.99 -14.88
CA ARG B 159 0.97 34.60 -14.27
C ARG B 159 2.29 33.92 -14.63
N ASP B 160 2.27 32.72 -15.23
CA ASP B 160 3.47 31.93 -15.50
C ASP B 160 4.38 31.85 -14.30
N GLU B 161 3.81 31.46 -13.16
CA GLU B 161 4.60 31.17 -11.97
C GLU B 161 4.29 29.77 -11.49
N TRP B 162 5.20 29.20 -10.75
CA TRP B 162 4.97 27.90 -10.21
C TRP B 162 5.07 28.07 -8.75
N HIS B 163 4.16 27.44 -8.03
CA HIS B 163 4.25 27.52 -6.60
C HIS B 163 4.16 26.15 -5.94
N LEU B 164 5.08 25.91 -5.02
CA LEU B 164 5.12 24.65 -4.34
C LEU B 164 4.08 24.56 -3.25
N VAL B 165 3.10 23.68 -3.47
CA VAL B 165 2.05 23.48 -2.50
C VAL B 165 2.41 22.45 -1.47
N ALA B 166 1.41 21.92 -0.83
CA ALA B 166 1.67 20.93 0.17
C ALA B 166 2.03 19.65 -0.54
N PRO B 167 3.00 18.96 -0.02
CA PRO B 167 3.37 17.73 -0.66
C PRO B 167 2.42 16.58 -0.33
N MET B 168 2.64 15.48 -1.01
CA MET B 168 1.90 14.27 -0.77
C MET B 168 2.43 13.59 0.48
N LEU B 169 1.62 12.69 1.04
CA LEU B 169 2.06 11.82 2.12
C LEU B 169 3.04 10.76 1.64
N THR B 170 3.15 10.58 0.33
CA THR B 170 3.74 9.40 -0.30
C THR B 170 4.56 9.87 -1.47
N ARG B 171 5.78 9.33 -1.63
CA ARG B 171 6.55 9.58 -2.84
C ARG B 171 5.92 8.78 -3.96
N ARG B 172 5.64 9.40 -5.13
CA ARG B 172 4.90 8.70 -6.20
C ARG B 172 5.41 9.10 -7.59
N ILE B 173 5.92 8.12 -8.32
CA ILE B 173 6.11 8.26 -9.73
C ILE B 173 5.21 7.22 -10.38
N GLY B 174 4.91 7.49 -11.67
CA GLY B 174 3.89 6.74 -12.37
C GLY B 174 2.54 6.88 -11.73
N VAL B 175 2.32 7.96 -10.99
CA VAL B 175 1.07 8.31 -10.31
C VAL B 175 0.02 8.73 -11.32
N GLY B 176 -1.21 8.23 -11.17
CA GLY B 176 -2.34 8.74 -11.90
C GLY B 176 -3.12 9.79 -11.09
N VAL B 177 -3.56 10.82 -11.77
CA VAL B 177 -4.13 11.98 -11.12
C VAL B 177 -5.51 12.23 -11.71
N ALA B 178 -6.44 12.67 -10.85
CA ALA B 178 -7.75 13.04 -11.34
C ALA B 178 -8.37 14.07 -10.40
N VAL B 179 -9.25 14.85 -10.97
CA VAL B 179 -9.95 15.89 -10.24
C VAL B 179 -11.41 15.49 -10.26
N LEU B 180 -12.01 15.46 -9.08
CA LEU B 180 -13.44 15.24 -8.97
C LEU B 180 -13.93 16.10 -7.82
N ASN B 181 -15.05 16.81 -8.06
CA ASN B 181 -15.61 17.76 -7.10
C ASN B 181 -14.57 18.80 -6.70
N ARG B 182 -13.78 19.21 -7.70
CA ARG B 182 -12.67 20.14 -7.52
C ARG B 182 -11.76 19.70 -6.37
N LEU B 183 -11.64 18.39 -6.12
CA LEU B 183 -10.57 17.83 -5.31
C LEU B 183 -9.59 17.08 -6.23
N LEU B 184 -8.33 16.95 -5.76
CA LEU B 184 -7.27 16.30 -6.53
C LEU B 184 -6.88 14.96 -5.91
N TYR B 185 -6.94 13.91 -6.72
CA TYR B 185 -6.61 12.56 -6.28
C TYR B 185 -5.27 12.08 -6.88
N ALA B 186 -4.35 11.63 -6.02
CA ALA B 186 -3.12 10.97 -6.49
C ALA B 186 -3.31 9.47 -6.26
N VAL B 187 -3.24 8.69 -7.33
CA VAL B 187 -3.66 7.31 -7.30
C VAL B 187 -2.48 6.40 -7.70
N GLY B 188 -2.09 5.48 -6.80
CA GLY B 188 -1.16 4.44 -7.16
C GLY B 188 0.22 5.02 -7.42
N GLY B 189 1.00 4.31 -8.23
CA GLY B 189 2.35 4.82 -8.50
C GLY B 189 3.41 3.93 -7.88
N PHE B 190 4.60 4.49 -7.67
CA PHE B 190 5.79 3.77 -7.26
C PHE B 190 6.64 4.69 -6.40
N ASP B 191 6.97 4.28 -5.15
CA ASP B 191 7.73 5.15 -4.26
C ASP B 191 9.23 4.97 -4.37
N GLY B 192 9.72 4.13 -5.29
CA GLY B 192 11.13 3.83 -5.42
C GLY B 192 11.48 2.47 -4.83
N THR B 193 10.55 1.83 -4.10
CA THR B 193 10.73 0.52 -3.48
C THR B 193 9.47 -0.31 -3.70
N ASN B 194 8.29 0.25 -3.36
CA ASN B 194 7.05 -0.49 -3.51
C ASN B 194 6.14 0.12 -4.55
N ARG B 195 5.48 -0.74 -5.31
CA ARG B 195 4.38 -0.27 -6.11
C ARG B 195 3.17 -0.12 -5.18
N LEU B 196 2.25 0.79 -5.52
CA LEU B 196 1.25 1.27 -4.57
C LEU B 196 -0.16 1.03 -5.08
N ASN B 197 -1.01 0.61 -4.16
CA ASN B 197 -2.43 0.71 -4.39
C ASN B 197 -3.07 1.84 -3.58
N SER B 198 -2.30 2.58 -2.77
CA SER B 198 -2.92 3.65 -1.99
C SER B 198 -3.34 4.83 -2.89
N ALA B 199 -4.33 5.57 -2.45
CA ALA B 199 -4.66 6.86 -3.06
C ALA B 199 -4.83 7.85 -1.95
N GLU B 200 -4.60 9.11 -2.30
CA GLU B 200 -4.67 10.22 -1.39
C GLU B 200 -5.29 11.38 -2.15
N CYS B 201 -5.89 12.28 -1.35
CA CYS B 201 -6.76 13.33 -1.83
C CYS B 201 -6.27 14.68 -1.33
N TYR B 202 -6.12 15.63 -2.26
CA TYR B 202 -5.71 17.00 -1.99
C TYR B 202 -6.94 17.93 -1.94
N TYR B 203 -7.03 18.76 -0.90
CA TYR B 203 -8.13 19.72 -0.81
C TYR B 203 -7.53 21.10 -0.92
N PRO B 204 -7.73 21.80 -2.04
CA PRO B 204 -6.98 23.04 -2.24
C PRO B 204 -7.25 24.04 -1.16
N GLU B 205 -8.52 24.15 -0.70
CA GLU B 205 -8.85 25.18 0.28
C GLU B 205 -8.29 24.88 1.67
N ARG B 206 -7.67 23.72 1.89
CA ARG B 206 -6.97 23.47 3.14
C ARG B 206 -5.50 23.17 2.97
N ASN B 207 -5.07 22.82 1.76
CA ASN B 207 -3.66 22.61 1.43
C ASN B 207 -3.04 21.52 2.31
N GLU B 208 -3.69 20.37 2.28
CA GLU B 208 -3.11 19.22 2.93
C GLU B 208 -3.68 17.99 2.24
N TRP B 209 -2.99 16.89 2.45
CA TRP B 209 -3.32 15.63 1.82
C TRP B 209 -3.89 14.72 2.87
N ARG B 210 -4.87 13.92 2.47
CA ARG B 210 -5.52 12.97 3.38
C ARG B 210 -5.65 11.59 2.75
N MET B 211 -5.11 10.59 3.41
CA MET B 211 -5.16 9.21 2.91
C MET B 211 -6.59 8.70 2.82
N ILE B 212 -6.87 7.97 1.74
CA ILE B 212 -8.21 7.41 1.52
C ILE B 212 -8.12 5.91 1.26
N THR B 213 -9.28 5.29 1.03
CA THR B 213 -9.34 3.86 0.76
C THR B 213 -8.43 3.48 -0.41
N ALA B 214 -7.64 2.43 -0.22
CA ALA B 214 -6.73 1.98 -1.25
C ALA B 214 -7.54 1.25 -2.32
N MET B 215 -7.00 1.25 -3.54
CA MET B 215 -7.53 0.38 -4.58
C MET B 215 -7.43 -1.10 -4.21
N ASN B 216 -8.22 -1.92 -4.89
CA ASN B 216 -8.07 -3.36 -4.78
C ASN B 216 -6.73 -3.85 -5.39
N THR B 217 -6.23 -3.19 -6.42
CA THR B 217 -5.03 -3.64 -7.11
C THR B 217 -3.90 -2.63 -6.95
N ILE B 218 -2.68 -3.13 -6.75
CA ILE B 218 -1.49 -2.29 -6.86
C ILE B 218 -1.28 -1.91 -8.31
N ARG B 219 -1.06 -0.60 -8.57
CA ARG B 219 -0.99 -0.08 -9.94
C ARG B 219 0.01 1.05 -10.00
N SER B 220 1.04 0.82 -10.79
CA SER B 220 1.92 1.88 -11.19
C SER B 220 1.79 2.03 -12.67
N GLY B 221 2.00 3.28 -13.15
CA GLY B 221 1.82 3.59 -14.55
C GLY B 221 0.45 3.20 -15.08
N ALA B 222 -0.63 3.30 -14.28
CA ALA B 222 -1.99 3.06 -14.78
C ALA B 222 -2.50 4.25 -15.58
N GLY B 223 -3.67 4.09 -16.20
CA GLY B 223 -4.40 5.22 -16.75
C GLY B 223 -5.51 5.60 -15.79
N VAL B 224 -5.41 6.81 -15.24
CA VAL B 224 -6.35 7.29 -14.23
C VAL B 224 -7.12 8.48 -14.82
N CYS B 225 -8.46 8.37 -14.85
CA CYS B 225 -9.33 9.48 -15.25
C CYS B 225 -10.67 9.38 -14.53
N VAL B 226 -11.54 10.32 -14.88
CA VAL B 226 -12.85 10.52 -14.28
C VAL B 226 -13.89 10.38 -15.38
N LEU B 227 -14.80 9.43 -15.25
CA LEU B 227 -15.85 9.20 -16.21
C LEU B 227 -17.09 9.11 -15.38
N HIS B 228 -18.14 9.80 -15.80
CA HIS B 228 -19.39 9.94 -15.04
C HIS B 228 -18.85 10.49 -13.74
N ASN B 229 -18.95 9.77 -12.64
CA ASN B 229 -18.40 10.32 -11.43
C ASN B 229 -17.53 9.36 -10.63
N CYS B 230 -17.07 8.30 -11.24
CA CYS B 230 -16.18 7.41 -10.55
C CYS B 230 -14.76 7.74 -11.00
N ILE B 231 -13.78 7.52 -10.14
CA ILE B 231 -12.43 7.74 -10.54
C ILE B 231 -12.07 6.42 -11.09
N TYR B 232 -11.66 6.38 -12.32
CA TYR B 232 -11.34 5.12 -12.94
C TYR B 232 -9.83 4.95 -12.96
N ALA B 233 -9.41 3.71 -12.89
CA ALA B 233 -7.99 3.40 -12.83
C ALA B 233 -7.82 2.19 -13.72
N ALA B 234 -7.17 2.34 -14.88
CA ALA B 234 -7.10 1.22 -15.81
C ALA B 234 -5.67 0.77 -16.00
N GLY B 235 -5.47 -0.54 -15.90
CA GLY B 235 -4.20 -1.16 -16.18
C GLY B 235 -3.16 -0.72 -15.18
N GLY B 236 -1.93 -0.64 -15.68
CA GLY B 236 -0.74 -0.38 -14.89
C GLY B 236 0.14 -1.63 -14.79
N TYR B 237 1.08 -1.54 -13.84
CA TYR B 237 2.04 -2.57 -13.55
C TYR B 237 2.13 -2.73 -12.05
N ASP B 238 2.11 -3.96 -11.56
CA ASP B 238 2.07 -4.20 -10.13
C ASP B 238 3.40 -4.74 -9.59
N GLY B 239 4.43 -4.73 -10.41
CA GLY B 239 5.73 -5.25 -10.01
C GLY B 239 5.99 -6.63 -10.58
N GLN B 240 4.99 -7.24 -11.19
CA GLN B 240 5.12 -8.58 -11.74
C GLN B 240 4.49 -8.68 -13.13
N ASP B 241 3.35 -8.03 -13.36
CA ASP B 241 2.64 -8.14 -14.62
C ASP B 241 1.93 -6.85 -14.95
N GLN B 242 1.92 -6.49 -16.24
CA GLN B 242 1.00 -5.45 -16.68
C GLN B 242 -0.42 -5.93 -16.48
N LEU B 243 -1.32 -4.99 -16.28
CA LEU B 243 -2.70 -5.29 -15.90
C LEU B 243 -3.67 -4.89 -17.00
N ASN B 244 -4.75 -5.65 -17.11
CA ASN B 244 -5.91 -5.22 -17.90
C ASN B 244 -7.11 -4.88 -17.03
N SER B 245 -7.12 -5.31 -15.76
CA SER B 245 -8.21 -4.94 -14.86
C SER B 245 -8.36 -3.41 -14.78
N VAL B 246 -9.57 -2.99 -14.47
CA VAL B 246 -9.99 -1.60 -14.45
C VAL B 246 -10.90 -1.49 -13.26
N GLU B 247 -10.72 -0.46 -12.43
CA GLU B 247 -11.64 -0.36 -11.30
C GLU B 247 -11.93 1.10 -11.07
N ARG B 248 -13.06 1.39 -10.41
CA ARG B 248 -13.49 2.77 -10.23
C ARG B 248 -13.86 3.08 -8.80
N TYR B 249 -13.56 4.29 -8.39
CA TYR B 249 -13.80 4.75 -7.03
C TYR B 249 -15.09 5.55 -6.99
N ASP B 250 -15.94 5.25 -6.02
CA ASP B 250 -17.18 5.99 -5.84
C ASP B 250 -16.99 6.79 -4.57
N VAL B 251 -17.07 8.12 -4.66
CA VAL B 251 -16.73 8.98 -3.53
C VAL B 251 -17.75 8.80 -2.40
N ALA B 252 -19.04 8.87 -2.73
CA ALA B 252 -20.05 8.81 -1.65
C ALA B 252 -19.91 7.54 -0.80
N THR B 253 -19.50 6.43 -1.37
CA THR B 253 -19.45 5.19 -0.63
C THR B 253 -18.02 4.79 -0.27
N ALA B 254 -17.05 5.62 -0.62
CA ALA B 254 -15.64 5.35 -0.41
C ALA B 254 -15.24 3.93 -0.83
N THR B 255 -15.74 3.50 -1.98
CA THR B 255 -15.61 2.13 -2.40
C THR B 255 -15.01 2.04 -3.80
N TRP B 256 -14.07 1.10 -4.01
CA TRP B 256 -13.53 0.79 -5.32
C TRP B 256 -14.20 -0.47 -5.84
N THR B 257 -14.59 -0.48 -7.13
CA THR B 257 -15.30 -1.58 -7.76
C THR B 257 -14.65 -1.93 -9.12
N PHE B 258 -14.43 -3.23 -9.33
CA PHE B 258 -13.83 -3.71 -10.56
C PHE B 258 -14.82 -3.74 -11.71
N VAL B 259 -14.44 -3.16 -12.84
CA VAL B 259 -15.30 -3.12 -14.02
C VAL B 259 -14.73 -4.02 -15.12
N ALA B 260 -15.23 -3.84 -16.34
CA ALA B 260 -14.76 -4.64 -17.47
C ALA B 260 -13.26 -4.45 -17.67
N PRO B 261 -12.55 -5.55 -17.96
CA PRO B 261 -11.10 -5.51 -18.17
C PRO B 261 -10.74 -5.27 -19.64
N MET B 262 -9.71 -4.47 -19.87
CA MET B 262 -9.25 -4.17 -21.23
C MET B 262 -8.78 -5.44 -21.91
N LYS B 263 -9.05 -5.58 -23.20
CA LYS B 263 -8.64 -6.77 -23.93
C LYS B 263 -7.14 -7.03 -23.82
N HIS B 264 -6.30 -6.00 -23.83
CA HIS B 264 -4.85 -6.19 -23.62
C HIS B 264 -4.39 -5.49 -22.36
N ARG B 265 -3.74 -6.24 -21.47
CA ARG B 265 -3.06 -5.58 -20.37
C ARG B 265 -2.05 -4.56 -20.93
N ARG B 266 -1.71 -3.55 -20.13
CA ARG B 266 -0.86 -2.45 -20.57
C ARG B 266 -0.55 -1.56 -19.37
N SER B 267 0.66 -1.03 -19.36
CA SER B 267 1.07 0.02 -18.43
C SER B 267 1.63 1.15 -19.27
N ALA B 268 1.80 2.33 -18.64
CA ALA B 268 2.35 3.53 -19.31
C ALA B 268 1.45 3.99 -20.46
N LEU B 269 0.15 3.88 -20.23
CA LEU B 269 -0.89 4.17 -21.19
C LEU B 269 -1.39 5.60 -21.03
N GLY B 270 -1.83 6.16 -22.13
CA GLY B 270 -2.51 7.42 -22.10
C GLY B 270 -3.99 7.17 -21.92
N ILE B 271 -4.66 8.14 -21.33
CA ILE B 271 -6.07 7.94 -21.03
C ILE B 271 -6.79 9.29 -21.08
N THR B 272 -8.02 9.24 -21.58
CA THR B 272 -8.86 10.42 -21.61
C THR B 272 -10.30 9.97 -21.86
N VAL B 273 -11.24 10.76 -21.36
CA VAL B 273 -12.65 10.54 -21.69
C VAL B 273 -13.11 11.61 -22.69
N HIS B 274 -13.74 11.15 -23.77
CA HIS B 274 -14.29 12.01 -24.81
C HIS B 274 -15.78 11.74 -24.85
N GLN B 275 -16.58 12.75 -24.50
CA GLN B 275 -18.04 12.66 -24.61
C GLN B 275 -18.59 11.42 -23.88
N GLY B 276 -18.20 11.28 -22.60
CA GLY B 276 -18.71 10.19 -21.78
C GLY B 276 -18.32 8.77 -22.17
N ARG B 277 -17.16 8.58 -22.80
CA ARG B 277 -16.57 7.25 -22.96
C ARG B 277 -15.06 7.35 -22.70
N ILE B 278 -14.42 6.21 -22.43
CA ILE B 278 -13.03 6.18 -21.97
C ILE B 278 -12.17 5.64 -23.08
N TYR B 279 -11.13 6.40 -23.41
CA TYR B 279 -10.19 5.97 -24.43
C TYR B 279 -8.83 5.75 -23.77
N VAL B 280 -8.31 4.55 -23.98
CA VAL B 280 -6.96 4.19 -23.55
C VAL B 280 -6.10 4.02 -24.79
N LEU B 281 -4.95 4.72 -24.83
CA LEU B 281 -4.12 4.84 -26.02
C LEU B 281 -2.72 4.32 -25.75
N GLY B 282 -2.31 3.28 -26.49
CA GLY B 282 -0.98 2.69 -26.40
C GLY B 282 -0.68 2.05 -25.06
N GLY B 283 0.61 2.08 -24.71
CA GLY B 283 1.13 1.44 -23.53
C GLY B 283 2.09 0.33 -23.88
N TYR B 284 2.48 -0.42 -22.86
CA TYR B 284 3.41 -1.53 -22.95
C TYR B 284 2.85 -2.71 -22.17
N ASP B 285 3.06 -3.92 -22.70
CA ASP B 285 2.48 -5.11 -22.07
C ASP B 285 3.53 -6.15 -21.69
N GLY B 286 4.78 -5.73 -21.51
CA GLY B 286 5.86 -6.63 -21.19
C GLY B 286 6.63 -7.09 -22.41
N HIS B 287 5.99 -7.12 -23.56
CA HIS B 287 6.64 -7.56 -24.77
C HIS B 287 6.67 -6.43 -25.79
N THR B 288 5.55 -5.85 -26.14
CA THR B 288 5.50 -4.98 -27.31
C THR B 288 4.80 -3.67 -26.99
N PHE B 289 5.18 -2.63 -27.73
CA PHE B 289 4.64 -1.30 -27.57
C PHE B 289 3.36 -1.18 -28.39
N LEU B 290 2.24 -0.95 -27.70
CA LEU B 290 0.95 -1.12 -28.33
C LEU B 290 0.57 0.09 -29.14
N ASP B 291 -0.03 -0.19 -30.29
CA ASP B 291 -0.76 0.76 -31.09
C ASP B 291 -2.25 0.68 -30.81
N SER B 292 -2.69 -0.37 -30.11
CA SER B 292 -4.13 -0.55 -29.87
C SER B 292 -4.72 0.60 -29.07
N VAL B 293 -5.91 1.02 -29.48
CA VAL B 293 -6.70 1.98 -28.71
C VAL B 293 -8.04 1.31 -28.41
N GLU B 294 -8.31 1.09 -27.13
CA GLU B 294 -9.52 0.45 -26.66
C GLU B 294 -10.49 1.49 -26.12
N CYS B 295 -11.78 1.17 -26.18
CA CYS B 295 -12.81 2.13 -25.83
C CYS B 295 -13.82 1.47 -24.90
N TYR B 296 -14.02 2.06 -23.74
CA TYR B 296 -14.91 1.51 -22.73
C TYR B 296 -16.25 2.20 -22.83
N ASP B 297 -17.32 1.41 -22.92
CA ASP B 297 -18.64 2.02 -22.86
C ASP B 297 -19.22 1.75 -21.48
N PRO B 298 -19.50 2.79 -20.70
CA PRO B 298 -19.88 2.55 -19.30
C PRO B 298 -21.26 1.95 -19.18
N ASP B 299 -22.19 2.39 -20.02
CA ASP B 299 -23.58 1.95 -19.87
C ASP B 299 -23.71 0.50 -20.27
N THR B 300 -22.88 0.03 -21.19
CA THR B 300 -22.76 -1.38 -21.48
C THR B 300 -21.74 -2.11 -20.60
N ASP B 301 -20.76 -1.39 -20.05
CA ASP B 301 -19.59 -1.99 -19.39
C ASP B 301 -18.85 -2.94 -20.35
N THR B 302 -18.45 -2.40 -21.50
CA THR B 302 -17.70 -3.23 -22.44
C THR B 302 -16.59 -2.42 -23.09
N TRP B 303 -15.50 -3.12 -23.44
CA TRP B 303 -14.32 -2.56 -24.08
C TRP B 303 -14.26 -3.02 -25.54
N SER B 304 -13.92 -2.13 -26.46
CA SER B 304 -13.75 -2.59 -27.83
C SER B 304 -12.69 -1.79 -28.59
N GLU B 305 -11.86 -2.52 -29.35
CA GLU B 305 -10.78 -1.95 -30.14
C GLU B 305 -11.32 -0.91 -31.11
N VAL B 306 -11.02 0.37 -30.88
CA VAL B 306 -11.67 1.39 -31.72
C VAL B 306 -10.78 1.82 -32.89
N THR B 307 -9.47 1.65 -32.77
CA THR B 307 -8.50 2.14 -33.74
C THR B 307 -7.16 1.49 -33.43
N ARG B 308 -6.22 1.73 -34.32
CA ARG B 308 -4.80 1.57 -34.10
C ARG B 308 -4.20 2.96 -33.99
N MET B 309 -3.15 3.10 -33.20
CA MET B 309 -2.33 4.28 -33.37
C MET B 309 -1.45 4.11 -34.61
N THR B 310 -0.93 5.21 -35.13
CA THR B 310 -0.12 5.09 -36.35
C THR B 310 1.12 4.23 -36.11
N SER B 311 1.53 4.07 -34.84
CA SER B 311 2.64 3.22 -34.44
C SER B 311 2.62 3.09 -32.93
N GLY B 312 2.99 1.91 -32.46
CA GLY B 312 2.94 1.65 -31.04
C GLY B 312 3.84 2.60 -30.27
N ARG B 313 3.35 3.01 -29.09
CA ARG B 313 4.16 3.80 -28.18
C ARG B 313 3.56 3.70 -26.78
N SER B 314 4.38 4.02 -25.80
CA SER B 314 4.01 4.12 -24.41
C SER B 314 4.44 5.48 -23.87
N GLY B 315 3.90 5.78 -22.70
CA GLY B 315 4.28 6.92 -21.90
C GLY B 315 3.98 8.25 -22.52
N VAL B 316 2.80 8.39 -23.15
CA VAL B 316 2.37 9.64 -23.79
C VAL B 316 1.63 10.51 -22.78
N GLY B 317 1.36 11.75 -23.14
CA GLY B 317 0.40 12.58 -22.43
C GLY B 317 -0.83 12.73 -23.33
N VAL B 318 -2.01 12.68 -22.73
CA VAL B 318 -3.24 12.72 -23.51
C VAL B 318 -4.18 13.77 -22.91
N ALA B 319 -4.94 14.44 -23.79
CA ALA B 319 -5.94 15.45 -23.44
C ALA B 319 -6.80 15.75 -24.65
N VAL B 320 -7.93 16.42 -24.41
CA VAL B 320 -8.93 16.65 -25.46
C VAL B 320 -9.16 18.15 -25.62
N THR B 321 -9.13 18.61 -26.88
CA THR B 321 -9.69 19.89 -27.26
C THR B 321 -10.03 19.88 -28.74
N ASP C 2 12.72 -0.60 -17.70
CA ASP C 2 11.56 -0.82 -16.91
C ASP C 2 10.59 -1.65 -17.67
N PRO C 3 10.21 -2.78 -17.07
CA PRO C 3 9.03 -3.49 -17.55
C PRO C 3 7.75 -2.70 -17.43
N GLU C 4 7.76 -1.51 -16.83
CA GLU C 4 6.53 -0.76 -16.68
C GLU C 4 6.34 0.23 -17.82
N THR C 5 7.42 0.88 -18.22
CA THR C 5 7.31 1.99 -19.16
C THR C 5 7.73 1.57 -20.55
N GLU C 7 11.83 1.22 -21.52
CA GLU C 7 12.76 2.29 -21.37
C GLU C 7 13.91 1.70 -20.68
#